data_8AKC
#
_entry.id   8AKC
#
_cell.length_a   91.071
_cell.length_b   91.071
_cell.length_c   143.588
_cell.angle_alpha   90.000
_cell.angle_beta   90.000
_cell.angle_gamma   120.000
#
_symmetry.space_group_name_H-M   'P 63'
#
loop_
_entity.id
_entity.type
_entity.pdbx_description
1 polymer 'NAD-dependent protein deacetylase sirtuin-6'
2 non-polymer '[(2R,3S,4R,5R)-5-(6-AMINOPURIN-9-YL)-3,4-DIHYDROXY-OXOLAN-2-YL]METHYL [HYDROXY-[[(2R,3S,4R,5S)-3,4,5-TRIHYDROXYOXOLAN-2-YL]METHOXY]PHOSPHORYL] HYDROGEN PHOSPHATE'
3 non-polymer 'ZINC ION'
4 non-polymer DI(HYDROXYETHYL)ETHER
5 non-polymer 'SULFATE ION'
6 non-polymer '3-(acetylamino)thiophene-2-carboxylic acid'
7 non-polymer 'CHLORIDE ION'
8 water water
#
_entity_poly.entity_id   1
_entity_poly.type   'polypeptide(L)'
_entity_poly.pdbx_seq_one_letter_code
;GIDPFTADKGKCGLPEIFDPPEELERKVWELARLVWQSSSVVFHTGAGISTASGIPDFRGPHGVWTMEERGLAPKFDTTF
ESARPTQTHMALVQLERVGLLRFLVSQNVDGLHVRSGFPRDKLAELHGNMFVEECAKCKTQYVRDTVVGTMGLKATGRLC
TVAKARGLRACRGELRDTILDWEDSLPDRDLALADEASRNADLSITLGTSLQIRPSGNLPLATKRRGGRLVIVNLQPTKH
DRHADLRIHGYVDEVMTRLMKHLGLEIPAWDGPRVLERALPPLPRPPTPKLEPKEESPTRIN
;
_entity_poly.pdbx_strand_id   A,B
#
loop_
_chem_comp.id
_chem_comp.type
_chem_comp.name
_chem_comp.formula
AR6 non-polymer '[(2R,3S,4R,5R)-5-(6-AMINOPURIN-9-YL)-3,4-DIHYDROXY-OXOLAN-2-YL]METHYL [HYDROXY-[[(2R,3S,4R,5S)-3,4,5-TRIHYDROXYOXOLAN-2-YL]METHOXY]PHOSPHORYL] HYDROGEN PHOSPHATE' 'C15 H23 N5 O14 P2'
CL non-polymer 'CHLORIDE ION' 'Cl -1'
GV9 non-polymer '3-(acetylamino)thiophene-2-carboxylic acid' 'C7 H7 N O3 S'
PEG non-polymer DI(HYDROXYETHYL)ETHER 'C4 H10 O3'
SO4 non-polymer 'SULFATE ION' 'O4 S -2'
ZN non-polymer 'ZINC ION' 'Zn 2'
#
# COMPACT_ATOMS: atom_id res chain seq x y z
N PRO A 4 -10.65 3.80 29.44
CA PRO A 4 -9.74 3.00 28.62
C PRO A 4 -10.34 1.63 28.28
N PHE A 5 -10.66 0.84 29.30
CA PHE A 5 -11.36 -0.45 29.15
C PHE A 5 -12.79 -0.19 28.69
N THR A 6 -13.47 0.79 29.32
CA THR A 6 -14.91 1.08 29.09
C THR A 6 -15.08 2.15 28.00
N ALA A 7 -13.97 2.74 27.51
CA ALA A 7 -13.98 3.89 26.57
C ALA A 7 -14.98 3.61 25.43
N ASP A 8 -15.84 4.59 25.12
CA ASP A 8 -16.78 4.51 23.97
C ASP A 8 -15.99 4.49 22.66
N LYS A 9 -15.92 3.32 22.02
CA LYS A 9 -15.17 3.13 20.76
C LYS A 9 -16.11 3.34 19.56
N GLY A 10 -17.40 3.59 19.80
CA GLY A 10 -18.36 4.10 18.79
C GLY A 10 -19.04 2.98 18.00
N LYS A 11 -19.65 3.33 16.88
CA LYS A 11 -20.26 2.36 15.96
C LYS A 11 -19.14 1.71 15.18
N CYS A 12 -18.95 0.40 15.32
CA CYS A 12 -17.85 -0.37 14.64
C CYS A 12 -18.44 -1.42 13.69
N GLY A 13 -17.81 -1.62 12.54
CA GLY A 13 -18.14 -2.73 11.60
C GLY A 13 -19.43 -2.51 10.85
N LEU A 14 -19.91 -1.27 10.71
CA LEU A 14 -21.08 -0.99 9.84
C LEU A 14 -20.78 -1.50 8.43
N PRO A 15 -21.83 -1.82 7.63
CA PRO A 15 -21.64 -2.34 6.29
C PRO A 15 -20.98 -1.28 5.40
N GLU A 16 -20.18 -1.78 4.48
CA GLU A 16 -19.50 -0.99 3.44
C GLU A 16 -20.56 -0.67 2.39
N ILE A 17 -20.50 0.53 1.81
CA ILE A 17 -21.33 0.97 0.65
C ILE A 17 -20.39 1.17 -0.55
N PHE A 18 -20.78 0.69 -1.73
CA PHE A 18 -20.01 0.86 -2.99
C PHE A 18 -20.92 1.56 -3.98
N ASP A 19 -20.60 2.82 -4.33
CA ASP A 19 -21.32 3.53 -5.42
C ASP A 19 -21.04 2.75 -6.70
N PRO A 20 -22.08 2.43 -7.51
CA PRO A 20 -21.87 1.77 -8.79
C PRO A 20 -21.00 2.69 -9.66
N PRO A 21 -20.25 2.14 -10.63
CA PRO A 21 -19.27 2.92 -11.41
C PRO A 21 -19.75 4.23 -12.04
N GLU A 22 -20.93 4.22 -12.66
CA GLU A 22 -21.51 5.41 -13.34
C GLU A 22 -21.75 6.53 -12.32
N GLU A 23 -22.37 6.19 -11.19
CA GLU A 23 -22.62 7.10 -10.05
C GLU A 23 -21.28 7.61 -9.48
N LEU A 24 -20.30 6.73 -9.34
CA LEU A 24 -18.95 7.06 -8.79
C LEU A 24 -18.27 8.05 -9.75
N GLU A 25 -18.26 7.75 -11.05
CA GLU A 25 -17.72 8.64 -12.13
C GLU A 25 -18.39 10.02 -12.05
N ARG A 26 -19.71 10.07 -11.93
CA ARG A 26 -20.50 11.33 -11.84
C ARG A 26 -20.11 12.10 -10.56
N LYS A 27 -19.93 11.43 -9.44
CA LYS A 27 -19.69 12.13 -8.15
C LYS A 27 -18.27 12.73 -8.13
N VAL A 28 -17.27 12.06 -8.72
CA VAL A 28 -15.83 12.49 -8.65
C VAL A 28 -15.68 13.68 -9.63
N TRP A 29 -16.40 13.68 -10.75
CA TRP A 29 -16.53 14.88 -11.62
C TRP A 29 -17.13 16.06 -10.83
N GLU A 30 -18.20 15.83 -10.05
CA GLU A 30 -18.87 16.90 -9.24
C GLU A 30 -17.90 17.42 -8.17
N LEU A 31 -17.15 16.52 -7.57
CA LEU A 31 -16.09 16.89 -6.60
C LEU A 31 -15.09 17.83 -7.29
N ALA A 32 -14.64 17.48 -8.49
CA ALA A 32 -13.69 18.30 -9.29
C ALA A 32 -14.28 19.69 -9.54
N ARG A 33 -15.58 19.75 -9.88
CA ARG A 33 -16.35 21.02 -10.00
C ARG A 33 -16.21 21.82 -8.70
N LEU A 34 -16.50 21.20 -7.54
CA LEU A 34 -16.42 21.88 -6.22
C LEU A 34 -14.99 22.36 -5.92
N VAL A 35 -13.96 21.58 -6.27
CA VAL A 35 -12.54 22.00 -6.01
C VAL A 35 -12.23 23.22 -6.87
N TRP A 36 -12.72 23.25 -8.11
CA TRP A 36 -12.45 24.37 -9.06
C TRP A 36 -13.14 25.66 -8.59
N GLN A 37 -14.33 25.54 -7.99
CA GLN A 37 -15.16 26.69 -7.53
C GLN A 37 -14.63 27.23 -6.20
N SER A 38 -13.89 26.43 -5.47
CA SER A 38 -13.59 26.70 -4.03
C SER A 38 -12.35 27.56 -3.88
N SER A 39 -12.48 28.63 -3.12
CA SER A 39 -11.36 29.54 -2.75
C SER A 39 -10.45 28.83 -1.75
N SER A 40 -11.01 28.14 -0.74
CA SER A 40 -10.26 27.64 0.43
C SER A 40 -10.66 26.18 0.71
N VAL A 41 -9.81 25.22 0.35
CA VAL A 41 -10.16 23.76 0.41
C VAL A 41 -9.38 23.15 1.58
N VAL A 42 -10.10 22.62 2.57
CA VAL A 42 -9.54 21.89 3.74
C VAL A 42 -9.92 20.42 3.59
N PHE A 43 -8.89 19.60 3.77
CA PHE A 43 -9.00 18.13 3.72
C PHE A 43 -8.94 17.61 5.14
N HIS A 44 -9.76 16.59 5.38
CA HIS A 44 -9.86 15.91 6.69
C HIS A 44 -9.62 14.42 6.49
N THR A 45 -8.57 13.88 7.08
CA THR A 45 -8.16 12.48 6.84
C THR A 45 -8.20 11.66 8.14
N GLY A 46 -8.62 10.41 8.02
CA GLY A 46 -8.59 9.42 9.11
C GLY A 46 -8.00 8.13 8.58
N ALA A 47 -8.22 7.04 9.32
CA ALA A 47 -7.46 5.78 9.24
C ALA A 47 -7.70 5.14 7.87
N GLY A 48 -8.81 5.46 7.23
CA GLY A 48 -9.19 4.82 5.96
C GLY A 48 -8.23 5.17 4.85
N ILE A 49 -7.52 6.32 4.93
CA ILE A 49 -6.52 6.69 3.87
C ILE A 49 -5.22 5.88 4.01
N SER A 50 -5.07 5.05 5.06
CA SER A 50 -3.79 4.32 5.26
C SER A 50 -4.00 2.80 5.13
N THR A 51 -5.24 2.37 4.91
CA THR A 51 -5.55 0.93 4.79
C THR A 51 -4.85 0.33 3.56
N ALA A 52 -4.67 1.08 2.48
CA ALA A 52 -4.10 0.54 1.20
C ALA A 52 -2.58 0.50 1.31
N SER A 53 -2.00 1.01 2.39
CA SER A 53 -0.57 0.78 2.74
C SER A 53 -0.38 -0.32 3.81
N GLY A 54 -1.44 -1.06 4.17
CA GLY A 54 -1.38 -2.19 5.10
C GLY A 54 -1.67 -1.87 6.55
N ILE A 55 -1.99 -0.61 6.85
CA ILE A 55 -2.36 -0.21 8.23
C ILE A 55 -3.87 -0.38 8.38
N PRO A 56 -4.33 -1.19 9.36
CA PRO A 56 -5.77 -1.37 9.56
C PRO A 56 -6.39 -0.06 10.07
N ASP A 57 -7.65 0.18 9.77
CA ASP A 57 -8.38 1.33 10.36
C ASP A 57 -8.90 0.91 11.73
N PHE A 58 -9.82 1.68 12.31
CA PHE A 58 -10.32 1.39 13.68
C PHE A 58 -11.74 0.77 13.63
N ARG A 59 -12.64 1.28 12.78
CA ARG A 59 -14.09 0.94 12.86
C ARG A 59 -14.59 0.35 11.55
N GLY A 60 -13.70 0.08 10.58
CA GLY A 60 -14.02 -0.69 9.36
C GLY A 60 -14.24 -2.17 9.64
N PRO A 61 -14.60 -3.02 8.64
CA PRO A 61 -14.98 -4.40 8.96
C PRO A 61 -13.85 -5.19 9.65
N HIS A 62 -12.59 -4.92 9.30
CA HIS A 62 -11.41 -5.50 10.00
C HIS A 62 -10.64 -4.44 10.80
N GLY A 63 -11.35 -3.42 11.26
CA GLY A 63 -10.84 -2.37 12.16
C GLY A 63 -10.29 -2.94 13.46
N VAL A 64 -9.35 -2.22 14.07
CA VAL A 64 -8.76 -2.55 15.39
C VAL A 64 -9.91 -2.72 16.40
N TRP A 65 -10.76 -1.69 16.58
CA TRP A 65 -11.92 -1.77 17.50
C TRP A 65 -12.95 -2.82 17.08
N THR A 66 -13.35 -2.87 15.80
CA THR A 66 -14.26 -3.91 15.25
C THR A 66 -13.75 -5.33 15.59
N MET A 67 -12.48 -5.62 15.31
CA MET A 67 -11.92 -6.98 15.53
C MET A 67 -11.91 -7.26 17.04
N GLU A 68 -11.51 -6.30 17.87
CA GLU A 68 -11.56 -6.37 19.35
C GLU A 68 -12.98 -6.78 19.85
N GLU A 69 -14.03 -6.19 19.28
CA GLU A 69 -15.45 -6.43 19.64
C GLU A 69 -15.82 -7.87 19.32
N ARG A 70 -15.26 -8.44 18.24
CA ARG A 70 -15.55 -9.83 17.80
C ARG A 70 -14.51 -10.83 18.32
N GLY A 71 -13.69 -10.45 19.31
CA GLY A 71 -12.67 -11.32 19.91
C GLY A 71 -11.49 -11.59 18.98
N LEU A 72 -11.29 -10.80 17.93
CA LEU A 72 -10.25 -11.09 16.89
C LEU A 72 -9.21 -9.98 16.95
N ALA A 73 -8.17 -10.07 16.13
CA ALA A 73 -7.04 -9.12 16.17
C ALA A 73 -7.04 -8.37 14.86
N PRO A 74 -6.80 -7.05 14.84
CA PRO A 74 -6.54 -6.37 13.58
C PRO A 74 -5.27 -7.03 13.02
N LYS A 75 -4.98 -6.78 11.75
CA LYS A 75 -3.77 -7.28 11.07
C LYS A 75 -3.06 -6.11 10.38
N PHE A 76 -1.75 -6.05 10.60
CA PHE A 76 -0.83 -5.10 9.94
C PHE A 76 -0.06 -5.87 8.88
N ASP A 77 -0.05 -5.36 7.66
CA ASP A 77 0.71 -5.84 6.48
C ASP A 77 2.00 -5.03 6.33
N THR A 78 2.25 -4.09 7.24
CA THR A 78 3.51 -3.31 7.29
C THR A 78 3.85 -2.97 8.73
N THR A 79 5.08 -2.60 9.00
CA THR A 79 5.38 -1.79 10.21
C THR A 79 4.98 -0.34 9.94
N PHE A 80 4.97 0.49 10.97
CA PHE A 80 4.81 1.93 10.73
C PHE A 80 6.00 2.48 9.93
N GLU A 81 7.20 1.93 10.16
CA GLU A 81 8.46 2.36 9.52
C GLU A 81 8.53 1.95 8.05
N SER A 82 7.94 0.82 7.67
CA SER A 82 8.02 0.29 6.28
C SER A 82 6.76 0.61 5.47
N ALA A 83 5.81 1.35 6.06
CA ALA A 83 4.57 1.86 5.45
C ALA A 83 4.94 2.93 4.42
N ARG A 84 4.42 2.79 3.21
CA ARG A 84 4.51 3.83 2.15
C ARG A 84 3.24 4.66 2.13
N PRO A 85 3.38 6.00 1.95
CA PRO A 85 2.27 6.89 1.65
C PRO A 85 1.54 6.32 0.42
N THR A 86 0.21 6.28 0.51
CA THR A 86 -0.70 5.81 -0.53
C THR A 86 -0.79 6.87 -1.64
N GLN A 87 -1.42 6.51 -2.74
CA GLN A 87 -1.74 7.40 -3.88
C GLN A 87 -2.46 8.61 -3.29
N THR A 88 -3.36 8.37 -2.35
CA THR A 88 -4.13 9.44 -1.65
C THR A 88 -3.23 10.38 -0.89
N HIS A 89 -2.33 9.85 -0.06
CA HIS A 89 -1.28 10.68 0.61
C HIS A 89 -0.58 11.51 -0.47
N MET A 90 -0.01 10.89 -1.52
CA MET A 90 0.80 11.64 -2.52
C MET A 90 -0.09 12.62 -3.30
N ALA A 91 -1.37 12.33 -3.55
CA ALA A 91 -2.27 13.27 -4.26
C ALA A 91 -2.43 14.50 -3.36
N LEU A 92 -2.46 14.31 -2.02
CA LEU A 92 -2.68 15.46 -1.07
C LEU A 92 -1.43 16.38 -1.03
N VAL A 93 -0.26 15.80 -1.22
CA VAL A 93 1.03 16.57 -1.30
C VAL A 93 0.95 17.51 -2.52
N GLN A 94 0.58 17.00 -3.70
CA GLN A 94 0.52 17.79 -4.96
C GLN A 94 -0.48 18.92 -4.85
N LEU A 95 -1.65 18.66 -4.26
CA LEU A 95 -2.75 19.65 -4.19
C LEU A 95 -2.27 20.83 -3.34
N GLU A 96 -1.53 20.56 -2.27
CA GLU A 96 -0.92 21.66 -1.47
C GLU A 96 0.09 22.36 -2.36
N ARG A 97 0.90 21.62 -3.13
CA ARG A 97 2.00 22.24 -3.92
C ARG A 97 1.39 23.20 -4.95
N VAL A 98 0.26 22.86 -5.55
CA VAL A 98 -0.30 23.66 -6.68
C VAL A 98 -1.29 24.69 -6.15
N GLY A 99 -1.45 24.79 -4.82
CA GLY A 99 -2.34 25.78 -4.20
C GLY A 99 -3.84 25.42 -4.15
N LEU A 100 -4.24 24.17 -4.34
CA LEU A 100 -5.65 23.72 -4.25
C LEU A 100 -6.05 23.16 -2.87
N LEU A 101 -5.10 23.02 -1.97
CA LEU A 101 -5.34 22.59 -0.57
C LEU A 101 -4.79 23.68 0.35
N ARG A 102 -5.68 24.35 1.08
CA ARG A 102 -5.29 25.36 2.10
C ARG A 102 -4.70 24.67 3.33
N PHE A 103 -5.33 23.60 3.82
CA PHE A 103 -4.96 22.96 5.12
C PHE A 103 -5.41 21.48 5.14
N LEU A 104 -4.59 20.65 5.78
CA LEU A 104 -4.82 19.20 6.03
C LEU A 104 -5.02 18.97 7.53
N VAL A 105 -6.23 18.54 7.91
CA VAL A 105 -6.54 18.06 9.30
C VAL A 105 -6.58 16.53 9.29
N SER A 106 -5.71 15.92 10.08
CA SER A 106 -5.66 14.44 10.23
C SER A 106 -5.76 13.99 11.70
N GLN A 107 -6.48 12.89 11.87
CA GLN A 107 -6.64 12.12 13.12
C GLN A 107 -5.64 10.96 13.16
N ASN A 108 -4.85 10.79 12.10
CA ASN A 108 -3.96 9.61 11.96
C ASN A 108 -2.67 9.89 12.73
N VAL A 109 -2.19 8.86 13.43
CA VAL A 109 -0.91 8.91 14.20
C VAL A 109 0.18 8.16 13.43
N ASP A 110 -0.16 7.58 12.28
CA ASP A 110 0.76 6.71 11.50
C ASP A 110 1.99 7.47 10.94
N GLY A 111 2.06 8.80 11.05
CA GLY A 111 3.23 9.57 10.57
C GLY A 111 3.34 9.71 9.06
N LEU A 112 2.39 9.18 8.29
CA LEU A 112 2.53 9.10 6.81
C LEU A 112 2.43 10.47 6.11
N HIS A 113 1.60 11.41 6.59
CA HIS A 113 1.50 12.77 6.00
C HIS A 113 2.88 13.42 6.10
N VAL A 114 3.49 13.42 7.30
CA VAL A 114 4.79 14.08 7.59
C VAL A 114 5.78 13.43 6.63
N ARG A 115 5.82 12.09 6.65
CA ARG A 115 6.84 11.30 5.91
C ARG A 115 6.69 11.43 4.39
N SER A 116 5.47 11.67 3.90
CA SER A 116 5.15 11.93 2.47
C SER A 116 5.77 13.24 1.97
N GLY A 117 6.21 14.19 2.81
CA GLY A 117 6.83 15.48 2.40
C GLY A 117 5.80 16.59 2.51
N PHE A 118 4.69 16.34 3.21
CA PHE A 118 3.60 17.33 3.33
C PHE A 118 4.11 18.35 4.36
N PRO A 119 4.01 19.65 4.07
CA PRO A 119 4.50 20.69 4.99
C PRO A 119 3.69 20.75 6.29
N ARG A 120 4.44 20.73 7.39
CA ARG A 120 3.94 20.64 8.78
C ARG A 120 3.16 21.93 9.13
N ASP A 121 3.56 23.09 8.61
CA ASP A 121 2.79 24.34 8.86
C ASP A 121 1.41 24.30 8.15
N LYS A 122 1.10 23.30 7.31
CA LYS A 122 -0.30 23.19 6.76
C LYS A 122 -1.01 21.93 7.28
N LEU A 123 -0.42 21.25 8.26
CA LEU A 123 -0.94 19.96 8.78
C LEU A 123 -1.30 20.11 10.27
N ALA A 124 -2.55 19.82 10.65
CA ALA A 124 -2.93 19.54 12.06
C ALA A 124 -2.92 18.02 12.29
N GLU A 125 -2.10 17.55 13.23
CA GLU A 125 -2.07 16.13 13.66
C GLU A 125 -2.73 16.03 15.02
N LEU A 126 -4.06 15.96 14.98
CA LEU A 126 -4.98 16.14 16.14
C LEU A 126 -4.76 15.08 17.22
N HIS A 127 -4.35 13.85 16.86
CA HIS A 127 -4.23 12.70 17.79
C HIS A 127 -2.75 12.35 18.04
N GLY A 128 -1.86 13.12 17.41
CA GLY A 128 -0.40 12.94 17.50
C GLY A 128 0.15 12.17 16.31
N ASN A 129 1.39 11.77 16.47
CA ASN A 129 2.26 11.21 15.41
C ASN A 129 3.20 10.25 16.10
N MET A 130 3.24 8.98 15.67
CA MET A 130 4.02 7.92 16.33
C MET A 130 5.53 8.21 16.19
N PHE A 131 5.96 9.01 15.21
CA PHE A 131 7.41 9.29 14.98
C PHE A 131 7.88 10.56 15.69
N VAL A 132 6.97 11.26 16.31
CA VAL A 132 7.18 12.63 16.87
C VAL A 132 7.19 12.52 18.40
N GLU A 133 8.27 13.04 18.99
CA GLU A 133 8.42 13.33 20.44
C GLU A 133 8.64 14.83 20.62
N GLU A 134 8.26 15.30 21.81
CA GLU A 134 8.13 16.74 22.14
C GLU A 134 8.80 16.96 23.50
N CYS A 135 9.58 18.03 23.61
CA CYS A 135 10.26 18.44 24.87
C CYS A 135 9.23 19.07 25.82
N ALA A 136 9.03 18.47 27.00
CA ALA A 136 8.14 18.99 28.08
C ALA A 136 8.53 20.43 28.44
N LYS A 137 9.83 20.76 28.44
CA LYS A 137 10.30 22.13 28.79
C LYS A 137 10.00 23.12 27.65
N CYS A 138 10.70 23.02 26.52
CA CYS A 138 10.75 24.07 25.47
C CYS A 138 9.73 23.80 24.34
N LYS A 139 9.01 22.68 24.39
CA LYS A 139 7.95 22.29 23.41
C LYS A 139 8.56 21.98 22.03
N THR A 140 9.88 21.86 21.94
CA THR A 140 10.58 21.56 20.66
C THR A 140 10.17 20.15 20.24
N GLN A 141 9.75 19.99 18.99
CA GLN A 141 9.35 18.67 18.43
C GLN A 141 10.47 18.09 17.58
N TYR A 142 10.64 16.78 17.68
CA TYR A 142 11.63 15.99 16.92
C TYR A 142 10.84 14.98 16.08
N VAL A 143 11.13 14.91 14.79
CA VAL A 143 10.52 13.89 13.89
C VAL A 143 11.59 12.82 13.69
N ARG A 144 11.33 11.61 14.21
CA ARG A 144 12.30 10.49 14.24
C ARG A 144 12.00 9.62 13.04
N ASP A 145 13.00 8.90 12.57
CA ASP A 145 12.94 7.85 11.52
C ASP A 145 12.37 6.52 12.00
N THR A 146 12.20 6.34 13.31
CA THR A 146 11.53 5.15 13.90
C THR A 146 10.44 5.65 14.82
N VAL A 147 9.43 4.82 15.11
CA VAL A 147 8.33 5.19 16.02
C VAL A 147 8.97 5.44 17.39
N VAL A 148 8.56 6.51 18.06
CA VAL A 148 8.94 6.81 19.46
C VAL A 148 8.27 5.72 20.32
N GLY A 149 9.03 5.01 21.14
CA GLY A 149 8.62 3.71 21.73
C GLY A 149 7.41 3.79 22.65
N THR A 150 6.90 4.98 22.98
CA THR A 150 5.85 5.16 24.00
C THR A 150 4.56 5.74 23.40
N MET A 151 3.47 5.66 24.15
CA MET A 151 2.15 6.24 23.78
C MET A 151 1.49 6.72 25.08
N GLY A 152 0.72 7.81 25.00
CA GLY A 152 0.02 8.42 26.14
C GLY A 152 0.81 9.53 26.80
N LEU A 153 1.60 10.28 26.01
CA LEU A 153 2.41 11.44 26.48
C LEU A 153 3.36 11.01 27.61
N LYS A 154 3.95 9.80 27.51
CA LYS A 154 4.97 9.26 28.45
C LYS A 154 6.38 9.71 28.08
N ALA A 155 7.28 9.81 29.07
CA ALA A 155 8.73 10.00 28.84
C ALA A 155 9.23 8.91 27.90
N THR A 156 10.00 9.28 26.86
CA THR A 156 10.59 8.34 25.86
C THR A 156 11.91 7.76 26.35
N GLY A 157 12.63 8.51 27.20
CA GLY A 157 13.99 8.14 27.67
C GLY A 157 15.06 9.05 27.08
N ARG A 158 14.74 9.75 25.98
CA ARG A 158 15.66 10.71 25.32
C ARG A 158 15.44 12.11 25.88
N LEU A 159 16.43 12.98 25.72
CA LEU A 159 16.45 14.36 26.28
C LEU A 159 16.61 15.37 25.15
N CYS A 160 16.11 16.57 25.39
CA CYS A 160 16.14 17.72 24.46
C CYS A 160 17.58 18.14 24.19
N THR A 161 17.92 18.38 22.93
CA THR A 161 19.29 18.73 22.47
C THR A 161 19.32 20.20 21.98
N VAL A 162 18.33 21.01 22.37
CA VAL A 162 18.23 22.43 21.91
C VAL A 162 19.42 23.21 22.50
N ALA A 163 20.14 23.96 21.64
CA ALA A 163 21.42 24.64 21.93
C ALA A 163 21.41 25.26 23.34
N CYS A 171 19.06 22.25 26.89
CA CYS A 171 17.73 22.16 27.55
C CYS A 171 17.62 20.86 28.37
N ARG A 172 18.13 19.75 27.83
CA ARG A 172 18.10 18.40 28.43
C ARG A 172 16.69 18.11 28.97
N GLY A 173 15.68 18.77 28.41
CA GLY A 173 14.25 18.54 28.73
C GLY A 173 13.85 17.10 28.42
N GLU A 174 12.88 16.60 29.18
CA GLU A 174 12.25 15.27 28.98
C GLU A 174 11.50 15.25 27.65
N LEU A 175 11.85 14.33 26.75
CA LEU A 175 11.08 14.11 25.49
C LEU A 175 9.96 13.12 25.81
N ARG A 176 8.75 13.40 25.33
CA ARG A 176 7.55 12.52 25.50
C ARG A 176 6.90 12.31 24.12
N ASP A 177 6.25 11.16 23.92
CA ASP A 177 5.46 10.87 22.70
C ASP A 177 4.32 11.90 22.59
N THR A 178 3.70 12.02 21.41
CA THR A 178 2.57 12.96 21.14
C THR A 178 1.25 12.19 21.00
N ILE A 179 1.22 10.91 21.35
CA ILE A 179 0.04 10.03 21.13
C ILE A 179 -0.94 10.19 22.31
N LEU A 180 -2.07 10.87 22.05
CA LEU A 180 -3.14 11.10 23.06
C LEU A 180 -3.69 9.75 23.50
N ASP A 181 -3.85 9.54 24.82
CA ASP A 181 -4.71 8.44 25.37
C ASP A 181 -6.15 8.97 25.41
N TRP A 182 -7.12 8.15 25.83
CA TRP A 182 -8.57 8.48 25.81
C TRP A 182 -8.86 9.78 26.60
N GLU A 183 -8.17 10.03 27.70
CA GLU A 183 -8.48 11.14 28.65
C GLU A 183 -7.81 12.45 28.23
N ASP A 184 -6.77 12.38 27.38
CA ASP A 184 -5.93 13.54 26.98
C ASP A 184 -6.69 14.41 25.97
N SER A 185 -6.78 15.72 26.22
CA SER A 185 -7.42 16.70 25.28
C SER A 185 -6.43 17.00 24.14
N LEU A 186 -6.94 17.51 23.02
CA LEU A 186 -6.15 17.66 21.75
C LEU A 186 -5.09 18.75 21.93
N PRO A 187 -3.95 18.70 21.21
CA PRO A 187 -2.97 19.80 21.24
C PRO A 187 -3.66 21.09 20.80
N ASP A 188 -3.52 22.13 21.62
CA ASP A 188 -4.24 23.42 21.46
C ASP A 188 -3.80 24.11 20.17
N ARG A 189 -2.52 24.00 19.78
CA ARG A 189 -2.00 24.66 18.55
C ARG A 189 -2.63 24.03 17.30
N ASP A 190 -2.59 22.70 17.22
CA ASP A 190 -3.10 21.92 16.06
C ASP A 190 -4.61 22.12 15.95
N LEU A 191 -5.31 22.06 17.08
CA LEU A 191 -6.79 22.18 17.12
C LEU A 191 -7.22 23.60 16.72
N ALA A 192 -6.56 24.62 17.26
CA ALA A 192 -6.82 26.05 16.96
C ALA A 192 -6.70 26.29 15.45
N LEU A 193 -5.61 25.78 14.85
CA LEU A 193 -5.31 25.92 13.40
C LEU A 193 -6.29 25.05 12.59
N ALA A 194 -6.59 23.81 13.00
CA ALA A 194 -7.60 22.97 12.33
C ALA A 194 -8.96 23.68 12.35
N ASP A 195 -9.32 24.28 13.50
CA ASP A 195 -10.61 24.98 13.69
C ASP A 195 -10.66 26.23 12.81
N GLU A 196 -9.60 27.03 12.78
CA GLU A 196 -9.54 28.27 11.97
C GLU A 196 -9.69 27.92 10.48
N ALA A 197 -8.94 26.94 9.99
CA ALA A 197 -8.98 26.50 8.58
C ALA A 197 -10.37 25.99 8.21
N SER A 198 -11.02 25.27 9.11
CA SER A 198 -12.32 24.61 8.86
C SER A 198 -13.44 25.66 8.77
N ARG A 199 -13.47 26.61 9.72
CA ARG A 199 -14.37 27.79 9.70
C ARG A 199 -14.22 28.60 8.39
N ASN A 200 -12.99 28.83 7.92
CA ASN A 200 -12.67 29.77 6.81
C ASN A 200 -12.79 29.06 5.45
N ALA A 201 -12.83 27.73 5.45
CA ALA A 201 -13.01 26.88 4.25
C ALA A 201 -14.38 27.15 3.61
N ASP A 202 -14.48 27.06 2.29
CA ASP A 202 -15.79 27.05 1.59
C ASP A 202 -16.02 25.63 1.05
N LEU A 203 -14.99 24.78 1.14
CA LEU A 203 -15.09 23.32 0.93
C LEU A 203 -14.24 22.60 1.98
N SER A 204 -14.84 21.66 2.71
CA SER A 204 -14.13 20.61 3.48
C SER A 204 -14.43 19.29 2.76
N ILE A 205 -13.38 18.55 2.48
CA ILE A 205 -13.42 17.14 1.96
C ILE A 205 -12.93 16.19 3.06
N THR A 206 -13.77 15.21 3.42
CA THR A 206 -13.34 14.16 4.38
C THR A 206 -12.98 12.89 3.59
N LEU A 207 -11.88 12.26 3.96
CA LEU A 207 -11.33 11.03 3.31
C LEU A 207 -11.06 9.99 4.40
N GLY A 208 -11.73 8.83 4.34
CA GLY A 208 -11.56 7.66 5.22
C GLY A 208 -11.58 8.04 6.68
N THR A 209 -12.54 8.83 7.15
CA THR A 209 -12.86 8.99 8.59
C THR A 209 -14.37 8.82 8.80
N SER A 210 -14.80 8.05 9.82
CA SER A 210 -16.24 7.86 10.14
C SER A 210 -16.75 9.06 10.93
N LEU A 211 -15.85 9.97 11.32
CA LEU A 211 -16.19 11.32 11.89
C LEU A 211 -16.90 11.19 13.25
N GLN A 212 -16.52 10.18 14.03
CA GLN A 212 -17.22 9.78 15.27
C GLN A 212 -16.56 10.40 16.50
N ILE A 213 -15.31 10.87 16.38
CA ILE A 213 -14.50 11.40 17.51
C ILE A 213 -14.74 12.90 17.59
N ARG A 214 -15.13 13.41 18.77
CA ARG A 214 -15.24 14.86 19.04
C ARG A 214 -13.92 15.33 19.63
N PRO A 215 -13.39 16.53 19.27
CA PRO A 215 -14.02 17.44 18.30
C PRO A 215 -13.57 17.27 16.84
N SER A 216 -12.60 16.38 16.59
CA SER A 216 -11.98 16.12 15.26
C SER A 216 -13.06 15.96 14.16
N GLY A 217 -13.95 14.99 14.35
CA GLY A 217 -15.09 14.61 13.50
C GLY A 217 -16.07 15.74 13.25
N ASN A 218 -16.11 16.73 14.13
CA ASN A 218 -17.07 17.84 14.04
C ASN A 218 -16.48 18.97 13.17
N LEU A 219 -15.16 19.04 13.07
CA LEU A 219 -14.46 20.16 12.35
C LEU A 219 -15.01 20.36 10.94
N PRO A 220 -15.16 19.31 10.10
CA PRO A 220 -15.77 19.50 8.78
C PRO A 220 -17.13 20.23 8.79
N LEU A 221 -17.92 20.08 9.85
CA LEU A 221 -19.29 20.71 9.99
C LEU A 221 -19.13 22.23 10.08
N ALA A 222 -18.11 22.69 10.81
CA ALA A 222 -17.77 24.14 10.94
C ALA A 222 -17.66 24.81 9.57
N THR A 223 -17.27 24.06 8.51
CA THR A 223 -17.20 24.59 7.11
C THR A 223 -18.61 24.94 6.61
N LYS A 224 -19.62 24.17 7.01
CA LYS A 224 -21.04 24.41 6.60
C LYS A 224 -21.52 25.80 7.07
N ARG A 225 -20.95 26.33 8.15
CA ARG A 225 -21.24 27.70 8.67
C ARG A 225 -20.83 28.76 7.63
N ARG A 226 -21.76 29.64 7.25
CA ARG A 226 -21.63 30.75 6.25
C ARG A 226 -21.64 30.17 4.83
N GLY A 227 -22.11 28.93 4.66
CA GLY A 227 -22.50 28.38 3.35
C GLY A 227 -21.40 27.59 2.68
N GLY A 228 -20.41 27.10 3.44
CA GLY A 228 -19.41 26.15 2.91
C GLY A 228 -20.05 24.85 2.44
N ARG A 229 -19.35 24.11 1.58
CA ARG A 229 -19.77 22.79 1.04
C ARG A 229 -18.94 21.70 1.74
N LEU A 230 -19.53 20.55 2.02
CA LEU A 230 -18.92 19.38 2.72
C LEU A 230 -19.06 18.16 1.81
N VAL A 231 -17.93 17.58 1.44
CA VAL A 231 -17.85 16.27 0.75
C VAL A 231 -17.29 15.24 1.74
N ILE A 232 -17.94 14.10 1.81
CA ILE A 232 -17.52 12.94 2.67
C ILE A 232 -17.18 11.80 1.72
N VAL A 233 -15.92 11.39 1.72
CA VAL A 233 -15.46 10.20 0.95
C VAL A 233 -15.20 9.12 2.00
N ASN A 234 -15.98 8.03 1.96
CA ASN A 234 -15.90 6.95 2.98
C ASN A 234 -16.66 5.72 2.49
N LEU A 235 -16.11 4.53 2.75
CA LEU A 235 -16.73 3.25 2.32
C LEU A 235 -17.96 2.94 3.19
N GLN A 236 -17.91 3.35 4.46
CA GLN A 236 -18.98 3.17 5.46
C GLN A 236 -19.72 4.50 5.60
N PRO A 237 -20.92 4.44 6.22
CA PRO A 237 -21.58 5.64 6.75
C PRO A 237 -20.71 6.35 7.78
N THR A 238 -20.93 7.65 7.94
CA THR A 238 -20.15 8.47 8.90
C THR A 238 -21.17 9.21 9.71
N LYS A 239 -20.74 9.74 10.85
CA LYS A 239 -21.64 10.45 11.79
C LYS A 239 -22.42 11.54 11.07
N HIS A 240 -21.81 12.27 10.14
CA HIS A 240 -22.35 13.53 9.57
C HIS A 240 -22.83 13.36 8.12
N ASP A 241 -23.14 12.14 7.68
CA ASP A 241 -23.57 11.86 6.29
C ASP A 241 -24.71 12.82 5.90
N ARG A 242 -25.67 13.04 6.83
CA ARG A 242 -26.89 13.89 6.59
C ARG A 242 -26.48 15.32 6.19
N HIS A 243 -25.33 15.79 6.66
CA HIS A 243 -24.88 17.21 6.51
C HIS A 243 -24.11 17.43 5.21
N ALA A 244 -23.80 16.37 4.45
CA ALA A 244 -22.85 16.43 3.30
C ALA A 244 -23.63 16.83 2.03
N ASP A 245 -23.01 17.68 1.21
CA ASP A 245 -23.54 18.08 -0.11
C ASP A 245 -23.26 16.92 -1.06
N LEU A 246 -22.25 16.12 -0.73
CA LEU A 246 -21.80 15.01 -1.62
C LEU A 246 -21.16 13.92 -0.74
N ARG A 247 -21.57 12.68 -0.93
CA ARG A 247 -21.06 11.51 -0.19
C ARG A 247 -20.56 10.59 -1.29
N ILE A 248 -19.28 10.26 -1.29
CA ILE A 248 -18.73 9.30 -2.29
C ILE A 248 -18.33 8.03 -1.58
N HIS A 249 -18.99 6.92 -1.93
CA HIS A 249 -18.71 5.58 -1.37
C HIS A 249 -17.85 4.82 -2.39
N GLY A 250 -16.54 4.77 -2.14
CA GLY A 250 -15.49 4.05 -2.90
C GLY A 250 -14.13 4.21 -2.25
N TYR A 251 -13.15 3.44 -2.70
CA TYR A 251 -11.73 3.49 -2.22
C TYR A 251 -11.20 4.91 -2.49
N VAL A 252 -10.69 5.55 -1.43
CA VAL A 252 -10.15 6.91 -1.46
C VAL A 252 -9.08 6.99 -2.55
N ASP A 253 -8.34 5.92 -2.85
CA ASP A 253 -7.27 5.99 -3.86
C ASP A 253 -7.88 6.11 -5.25
N GLU A 254 -8.94 5.33 -5.55
CA GLU A 254 -9.73 5.41 -6.82
C GLU A 254 -10.32 6.82 -6.94
N VAL A 255 -10.84 7.38 -5.87
CA VAL A 255 -11.48 8.72 -5.91
C VAL A 255 -10.38 9.74 -6.21
N MET A 256 -9.27 9.69 -5.49
CA MET A 256 -8.24 10.75 -5.59
C MET A 256 -7.51 10.64 -6.92
N THR A 257 -7.29 9.44 -7.46
CA THR A 257 -6.63 9.27 -8.78
C THR A 257 -7.52 9.75 -9.94
N ARG A 258 -8.83 9.52 -9.87
CA ARG A 258 -9.80 10.04 -10.87
C ARG A 258 -9.89 11.55 -10.67
N LEU A 259 -9.86 12.02 -9.43
CA LEU A 259 -9.98 13.49 -9.21
C LEU A 259 -8.76 14.23 -9.80
N MET A 260 -7.54 13.75 -9.53
CA MET A 260 -6.26 14.33 -10.01
C MET A 260 -6.27 14.36 -11.55
N LYS A 261 -6.70 13.25 -12.14
CA LYS A 261 -6.82 13.11 -13.61
C LYS A 261 -7.75 14.23 -14.12
N HIS A 262 -8.90 14.46 -13.47
CA HIS A 262 -9.85 15.56 -13.82
C HIS A 262 -9.19 16.93 -13.63
N LEU A 263 -8.40 17.10 -12.56
CA LEU A 263 -7.73 18.41 -12.27
C LEU A 263 -6.48 18.59 -13.13
N GLY A 264 -6.11 17.60 -13.95
CA GLY A 264 -4.93 17.61 -14.84
C GLY A 264 -3.62 17.64 -14.07
N LEU A 265 -3.58 17.00 -12.90
CA LEU A 265 -2.38 16.91 -12.04
C LEU A 265 -1.85 15.48 -11.99
N GLU A 266 -0.53 15.35 -11.95
CA GLU A 266 0.17 14.06 -11.70
C GLU A 266 0.20 13.82 -10.17
N ILE A 267 0.11 12.58 -9.73
CA ILE A 267 0.44 12.23 -8.32
C ILE A 267 1.96 12.08 -8.24
N PRO A 268 2.64 12.92 -7.46
CA PRO A 268 4.11 12.87 -7.36
C PRO A 268 4.72 11.59 -6.79
N ALA A 269 5.94 11.31 -7.21
CA ALA A 269 6.73 10.13 -6.80
C ALA A 269 7.10 10.34 -5.32
N TRP A 270 7.16 9.26 -4.53
CA TRP A 270 7.59 9.33 -3.12
C TRP A 270 9.08 9.01 -3.04
N ASP A 271 9.88 10.00 -2.62
CA ASP A 271 11.36 9.94 -2.56
C ASP A 271 11.82 9.23 -1.30
N GLY A 272 10.92 8.51 -0.60
CA GLY A 272 11.17 7.97 0.74
C GLY A 272 10.91 9.02 1.81
N PRO A 273 11.11 8.64 3.10
CA PRO A 273 10.77 9.50 4.25
C PRO A 273 11.56 10.82 4.26
N ARG A 274 10.83 11.94 4.26
CA ARG A 274 11.37 13.31 4.11
C ARG A 274 10.45 14.21 4.91
N VAL A 275 11.02 15.03 5.77
CA VAL A 275 10.24 15.99 6.59
C VAL A 275 10.39 17.36 5.95
N LEU A 276 9.27 18.04 5.73
CA LEU A 276 9.18 19.43 5.25
C LEU A 276 8.45 20.22 6.34
N GLU A 277 9.17 21.14 7.00
CA GLU A 277 8.60 22.03 8.06
C GLU A 277 7.66 23.07 7.47
N ARG A 278 8.02 23.64 6.31
CA ARG A 278 7.36 24.87 5.79
C ARG A 278 7.02 24.73 4.31
N ALA A 279 5.76 25.07 4.01
CA ALA A 279 5.12 25.04 2.69
C ALA A 279 5.93 25.99 1.79
N LEU A 280 6.15 25.60 0.54
CA LEU A 280 6.83 26.45 -0.49
C LEU A 280 5.80 27.32 -1.19
N PRO A 281 6.21 28.35 -1.98
CA PRO A 281 5.25 29.10 -2.79
C PRO A 281 4.52 28.16 -3.73
N PRO A 282 3.25 28.43 -4.10
CA PRO A 282 2.52 27.53 -4.98
C PRO A 282 3.25 27.25 -6.30
N LEU A 283 3.19 26.00 -6.76
CA LEU A 283 3.68 25.66 -8.10
C LEU A 283 2.62 26.05 -9.13
N PRO A 284 2.96 26.09 -10.43
CA PRO A 284 1.97 26.38 -11.47
C PRO A 284 0.88 25.30 -11.46
N ARG A 285 -0.35 25.61 -11.83
CA ARG A 285 -1.37 24.54 -12.06
C ARG A 285 -2.18 24.82 -13.32
N PRO A 286 -2.91 23.80 -13.85
CA PRO A 286 -3.73 24.01 -15.05
C PRO A 286 -4.74 25.14 -14.90
N PRO A 287 -5.10 25.79 -16.04
CA PRO A 287 -6.16 26.79 -16.02
C PRO A 287 -7.48 26.07 -15.69
N THR A 288 -8.42 26.80 -15.11
CA THR A 288 -9.74 26.25 -14.67
C THR A 288 -10.70 26.06 -15.85
N PRO A 289 -11.50 24.96 -15.87
CA PRO A 289 -12.56 24.83 -16.86
C PRO A 289 -13.64 25.91 -16.73
N LYS A 290 -14.34 26.18 -17.82
CA LYS A 290 -15.64 26.89 -17.82
C LYS A 290 -16.66 25.92 -17.23
N LEU A 291 -17.26 26.29 -16.10
CA LEU A 291 -18.13 25.38 -15.30
C LEU A 291 -19.59 25.53 -15.74
N GLU A 292 -20.13 26.75 -15.62
CA GLU A 292 -21.55 27.09 -15.88
C GLU A 292 -21.82 26.88 -17.39
N LYS B 9 -7.46 -26.65 0.43
CA LYS B 9 -6.91 -25.24 0.49
C LYS B 9 -5.68 -25.17 1.42
N GLY B 10 -5.29 -26.29 2.05
CA GLY B 10 -3.99 -26.48 2.74
C GLY B 10 -4.01 -26.01 4.18
N LYS B 11 -2.83 -25.73 4.75
CA LYS B 11 -2.66 -25.19 6.13
C LYS B 11 -2.89 -23.68 6.13
N CYS B 12 -3.90 -23.21 6.87
CA CYS B 12 -4.33 -21.78 6.85
C CYS B 12 -4.25 -21.23 8.26
N GLY B 13 -3.85 -19.96 8.39
CA GLY B 13 -3.90 -19.22 9.65
C GLY B 13 -2.82 -19.65 10.64
N LEU B 14 -1.73 -20.26 10.17
CA LEU B 14 -0.56 -20.60 11.04
C LEU B 14 -0.04 -19.34 11.69
N PRO B 15 0.62 -19.43 12.87
CA PRO B 15 1.15 -18.24 13.52
C PRO B 15 2.23 -17.56 12.68
N GLU B 16 2.19 -16.23 12.70
CA GLU B 16 3.25 -15.36 12.13
C GLU B 16 4.53 -15.45 12.99
N ILE B 17 5.68 -15.41 12.33
CA ILE B 17 7.02 -15.36 12.99
C ILE B 17 7.66 -14.02 12.63
N PHE B 18 8.22 -13.32 13.62
CA PHE B 18 8.95 -12.04 13.45
C PHE B 18 10.38 -12.20 13.99
N ASP B 19 11.38 -12.25 13.09
CA ASP B 19 12.79 -12.23 13.54
C ASP B 19 13.01 -10.93 14.31
N PRO B 20 13.65 -10.99 15.49
CA PRO B 20 14.05 -9.78 16.21
C PRO B 20 14.94 -8.92 15.31
N PRO B 21 15.00 -7.59 15.54
CA PRO B 21 15.69 -6.68 14.63
C PRO B 21 17.15 -7.05 14.28
N GLU B 22 17.93 -7.41 15.30
CA GLU B 22 19.37 -7.74 15.16
C GLU B 22 19.50 -8.95 14.23
N GLU B 23 18.65 -9.95 14.41
CA GLU B 23 18.66 -11.21 13.60
C GLU B 23 18.25 -10.81 12.18
N LEU B 24 17.20 -10.02 12.08
CA LEU B 24 16.63 -9.58 10.79
C LEU B 24 17.74 -8.87 10.00
N GLU B 25 18.42 -7.92 10.65
CA GLU B 25 19.51 -7.12 10.03
C GLU B 25 20.62 -8.06 9.55
N ARG B 26 20.98 -9.06 10.36
CA ARG B 26 22.08 -10.01 10.05
C ARG B 26 21.67 -10.87 8.85
N LYS B 27 20.42 -11.34 8.80
CA LYS B 27 19.94 -12.25 7.72
C LYS B 27 19.88 -11.49 6.38
N VAL B 28 19.52 -10.22 6.38
CA VAL B 28 19.29 -9.46 5.11
C VAL B 28 20.68 -9.12 4.53
N TRP B 29 21.69 -8.94 5.39
CA TRP B 29 23.11 -8.81 4.98
C TRP B 29 23.60 -10.12 4.34
N GLU B 30 23.19 -11.27 4.89
CA GLU B 30 23.56 -12.62 4.37
C GLU B 30 22.85 -12.86 3.02
N LEU B 31 21.59 -12.44 2.90
CA LEU B 31 20.84 -12.46 1.61
C LEU B 31 21.61 -11.67 0.53
N ALA B 32 22.02 -10.44 0.81
CA ALA B 32 22.86 -9.57 -0.06
C ALA B 32 24.15 -10.31 -0.46
N ARG B 33 24.80 -10.97 0.49
CA ARG B 33 26.01 -11.79 0.23
C ARG B 33 25.66 -12.78 -0.89
N LEU B 34 24.61 -13.56 -0.68
CA LEU B 34 24.11 -14.58 -1.63
C LEU B 34 23.78 -13.94 -3.00
N VAL B 35 23.15 -12.76 -3.02
CA VAL B 35 22.80 -12.10 -4.31
C VAL B 35 24.12 -11.75 -5.02
N TRP B 36 25.11 -11.20 -4.30
CA TRP B 36 26.43 -10.82 -4.89
C TRP B 36 27.17 -12.05 -5.42
N GLN B 37 27.14 -13.17 -4.68
CA GLN B 37 27.86 -14.43 -5.05
C GLN B 37 27.15 -15.16 -6.21
N SER B 38 25.86 -14.93 -6.41
CA SER B 38 25.02 -15.76 -7.32
C SER B 38 25.10 -15.27 -8.77
N SER B 39 25.41 -16.18 -9.69
CA SER B 39 25.35 -15.95 -11.16
C SER B 39 23.90 -15.75 -11.63
N SER B 40 22.97 -16.58 -11.14
CA SER B 40 21.61 -16.72 -11.74
C SER B 40 20.56 -16.69 -10.63
N VAL B 41 19.92 -15.53 -10.41
CA VAL B 41 18.95 -15.33 -9.29
C VAL B 41 17.53 -15.35 -9.85
N VAL B 42 16.73 -16.30 -9.36
CA VAL B 42 15.27 -16.44 -9.65
C VAL B 42 14.51 -16.08 -8.38
N PHE B 43 13.51 -15.23 -8.54
CA PHE B 43 12.59 -14.80 -7.47
C PHE B 43 11.25 -15.51 -7.67
N HIS B 44 10.70 -16.08 -6.60
CA HIS B 44 9.34 -16.70 -6.59
C HIS B 44 8.44 -15.84 -5.73
N THR B 45 7.32 -15.36 -6.29
CA THR B 45 6.42 -14.44 -5.55
C THR B 45 5.01 -15.04 -5.41
N GLY B 46 4.37 -14.73 -4.30
CA GLY B 46 3.01 -15.11 -3.97
C GLY B 46 2.30 -13.93 -3.33
N ALA B 47 1.15 -14.19 -2.74
CA ALA B 47 0.10 -13.21 -2.36
C ALA B 47 0.63 -12.29 -1.26
N GLY B 48 1.65 -12.75 -0.51
CA GLY B 48 2.28 -12.00 0.58
C GLY B 48 2.91 -10.70 0.11
N ILE B 49 3.45 -10.65 -1.10
CA ILE B 49 4.08 -9.42 -1.67
C ILE B 49 3.01 -8.37 -2.10
N SER B 50 1.71 -8.67 -2.04
CA SER B 50 0.65 -7.69 -2.42
C SER B 50 -0.19 -7.27 -1.23
N THR B 51 0.09 -7.80 -0.04
CA THR B 51 -0.75 -7.49 1.15
C THR B 51 -0.58 -6.04 1.57
N ALA B 52 0.57 -5.43 1.32
CA ALA B 52 0.88 -4.04 1.73
C ALA B 52 0.30 -3.04 0.73
N SER B 53 -0.31 -3.48 -0.38
CA SER B 53 -1.09 -2.66 -1.35
C SER B 53 -2.61 -2.88 -1.18
N GLY B 54 -3.00 -3.62 -0.13
CA GLY B 54 -4.38 -3.79 0.35
C GLY B 54 -5.04 -5.02 -0.21
N ILE B 55 -4.29 -5.88 -0.90
CA ILE B 55 -4.86 -7.15 -1.45
C ILE B 55 -4.59 -8.26 -0.45
N PRO B 56 -5.64 -8.96 0.04
CA PRO B 56 -5.45 -9.96 1.08
C PRO B 56 -4.73 -11.16 0.49
N ASP B 57 -4.03 -11.92 1.31
CA ASP B 57 -3.45 -13.20 0.82
C ASP B 57 -4.50 -14.31 0.97
N PHE B 58 -4.08 -15.55 0.86
CA PHE B 58 -4.99 -16.73 0.92
C PHE B 58 -4.88 -17.43 2.28
N ARG B 59 -3.66 -17.62 2.82
CA ARG B 59 -3.44 -18.51 4.00
C ARG B 59 -2.87 -17.74 5.21
N GLY B 60 -2.61 -16.42 5.11
CA GLY B 60 -2.20 -15.57 6.25
C GLY B 60 -3.31 -15.44 7.29
N PRO B 61 -3.12 -14.71 8.41
CA PRO B 61 -4.15 -14.65 9.46
C PRO B 61 -5.51 -14.15 8.97
N HIS B 62 -5.51 -13.20 8.03
CA HIS B 62 -6.77 -12.67 7.42
C HIS B 62 -6.81 -13.02 5.93
N GLY B 63 -6.16 -14.13 5.56
CA GLY B 63 -6.18 -14.70 4.20
C GLY B 63 -7.58 -15.09 3.77
N VAL B 64 -7.83 -15.09 2.46
CA VAL B 64 -9.14 -15.46 1.85
C VAL B 64 -9.60 -16.82 2.39
N TRP B 65 -8.75 -17.84 2.27
CA TRP B 65 -9.12 -19.22 2.71
C TRP B 65 -9.26 -19.23 4.24
N THR B 66 -8.27 -18.69 4.97
CA THR B 66 -8.27 -18.55 6.46
C THR B 66 -9.59 -17.93 6.95
N MET B 67 -10.05 -16.85 6.33
CA MET B 67 -11.27 -16.11 6.78
C MET B 67 -12.49 -16.97 6.44
N GLU B 68 -12.52 -17.57 5.23
CA GLU B 68 -13.56 -18.55 4.79
C GLU B 68 -13.71 -19.70 5.81
N GLU B 69 -12.60 -20.29 6.29
CA GLU B 69 -12.57 -21.39 7.29
C GLU B 69 -13.21 -20.96 8.61
N ARG B 70 -13.09 -19.69 8.98
CA ARG B 70 -13.61 -19.14 10.26
C ARG B 70 -14.94 -18.42 10.02
N GLY B 71 -15.59 -18.69 8.87
CA GLY B 71 -16.90 -18.11 8.52
C GLY B 71 -16.85 -16.60 8.37
N LEU B 72 -15.67 -16.02 8.11
CA LEU B 72 -15.47 -14.56 7.93
C LEU B 72 -15.13 -14.27 6.48
N ALA B 73 -15.05 -13.01 6.07
CA ALA B 73 -14.73 -12.62 4.67
C ALA B 73 -13.35 -12.00 4.63
N PRO B 74 -12.51 -12.27 3.61
CA PRO B 74 -11.28 -11.50 3.43
C PRO B 74 -11.72 -10.07 3.15
N LYS B 75 -10.80 -9.12 3.27
CA LYS B 75 -11.09 -7.68 3.10
C LYS B 75 -10.05 -7.10 2.12
N PHE B 76 -10.55 -6.39 1.14
CA PHE B 76 -9.75 -5.65 0.14
C PHE B 76 -9.78 -4.18 0.51
N ASP B 77 -8.62 -3.52 0.57
CA ASP B 77 -8.46 -2.07 0.84
C ASP B 77 -8.24 -1.32 -0.50
N THR B 78 -8.30 -2.04 -1.61
CA THR B 78 -8.17 -1.50 -2.99
C THR B 78 -8.98 -2.41 -3.91
N THR B 79 -9.30 -1.91 -5.11
CA THR B 79 -9.69 -2.79 -6.25
C THR B 79 -8.41 -3.29 -6.90
N PHE B 80 -8.50 -4.23 -7.83
CA PHE B 80 -7.31 -4.67 -8.58
C PHE B 80 -6.79 -3.53 -9.45
N GLU B 81 -7.70 -2.70 -9.95
CA GLU B 81 -7.40 -1.59 -10.87
C GLU B 81 -6.70 -0.47 -10.10
N SER B 82 -7.07 -0.22 -8.83
CA SER B 82 -6.51 0.93 -8.06
C SER B 82 -5.32 0.50 -7.18
N ALA B 83 -4.96 -0.79 -7.17
CA ALA B 83 -3.84 -1.36 -6.39
C ALA B 83 -2.53 -0.85 -7.00
N ARG B 84 -1.61 -0.45 -6.13
CA ARG B 84 -0.29 0.07 -6.55
C ARG B 84 0.73 -1.03 -6.26
N PRO B 85 1.70 -1.25 -7.18
CA PRO B 85 2.83 -2.13 -6.90
C PRO B 85 3.46 -1.60 -5.62
N THR B 86 3.79 -2.54 -4.75
CA THR B 86 4.51 -2.32 -3.47
C THR B 86 5.99 -2.01 -3.75
N GLN B 87 6.68 -1.51 -2.73
CA GLN B 87 8.15 -1.33 -2.67
C GLN B 87 8.82 -2.60 -3.19
N THR B 88 8.30 -3.76 -2.78
CA THR B 88 8.78 -5.09 -3.19
C THR B 88 8.61 -5.30 -4.70
N HIS B 89 7.44 -5.02 -5.25
CA HIS B 89 7.23 -5.13 -6.72
C HIS B 89 8.27 -4.24 -7.41
N MET B 90 8.42 -2.99 -6.96
CA MET B 90 9.29 -1.99 -7.63
C MET B 90 10.77 -2.38 -7.43
N ALA B 91 11.12 -3.00 -6.32
CA ALA B 91 12.51 -3.45 -6.05
C ALA B 91 12.83 -4.52 -7.09
N LEU B 92 11.88 -5.43 -7.38
CA LEU B 92 12.08 -6.58 -8.34
C LEU B 92 12.25 -6.04 -9.78
N VAL B 93 11.53 -4.97 -10.17
CA VAL B 93 11.72 -4.19 -11.45
C VAL B 93 13.19 -3.77 -11.57
N GLN B 94 13.72 -3.04 -10.57
CA GLN B 94 15.10 -2.51 -10.52
C GLN B 94 16.15 -3.62 -10.60
N LEU B 95 15.92 -4.74 -9.96
CA LEU B 95 16.86 -5.88 -9.85
C LEU B 95 16.96 -6.50 -11.23
N GLU B 96 15.84 -6.66 -11.92
CA GLU B 96 15.87 -7.15 -13.31
C GLU B 96 16.61 -6.10 -14.16
N ARG B 97 16.38 -4.80 -13.99
CA ARG B 97 16.97 -3.77 -14.92
C ARG B 97 18.51 -3.81 -14.82
N VAL B 98 19.09 -4.03 -13.63
CA VAL B 98 20.57 -3.96 -13.39
C VAL B 98 21.20 -5.34 -13.55
N GLY B 99 20.42 -6.35 -13.93
CA GLY B 99 20.93 -7.69 -14.29
C GLY B 99 21.14 -8.62 -13.11
N LEU B 100 20.57 -8.35 -11.92
CA LEU B 100 20.70 -9.20 -10.70
C LEU B 100 19.54 -10.16 -10.49
N LEU B 101 18.50 -10.07 -11.33
CA LEU B 101 17.33 -10.97 -11.36
C LEU B 101 17.25 -11.61 -12.75
N ARG B 102 17.46 -12.93 -12.85
CA ARG B 102 17.40 -13.66 -14.14
C ARG B 102 15.94 -13.86 -14.51
N PHE B 103 15.12 -14.32 -13.56
CA PHE B 103 13.72 -14.70 -13.85
C PHE B 103 12.83 -14.55 -12.60
N LEU B 104 11.57 -14.21 -12.84
CA LEU B 104 10.55 -13.97 -11.80
C LEU B 104 9.44 -14.98 -12.01
N VAL B 105 9.24 -15.85 -11.02
CA VAL B 105 8.08 -16.81 -10.99
C VAL B 105 7.05 -16.32 -9.98
N SER B 106 5.85 -15.96 -10.46
CA SER B 106 4.72 -15.49 -9.62
C SER B 106 3.51 -16.42 -9.76
N GLN B 107 2.91 -16.74 -8.61
CA GLN B 107 1.60 -17.40 -8.43
C GLN B 107 0.49 -16.34 -8.42
N ASN B 108 0.83 -15.05 -8.43
CA ASN B 108 -0.18 -13.98 -8.17
C ASN B 108 -0.95 -13.69 -9.49
N VAL B 109 -2.26 -13.44 -9.40
CA VAL B 109 -3.14 -13.13 -10.56
C VAL B 109 -3.54 -11.65 -10.52
N ASP B 110 -3.04 -10.93 -9.54
CA ASP B 110 -3.38 -9.52 -9.24
C ASP B 110 -2.87 -8.56 -10.33
N GLY B 111 -2.00 -8.99 -11.26
CA GLY B 111 -1.57 -8.18 -12.41
C GLY B 111 -0.49 -7.16 -12.10
N LEU B 112 -0.01 -7.08 -10.84
CA LEU B 112 0.89 -6.01 -10.36
C LEU B 112 2.30 -6.11 -10.98
N HIS B 113 2.87 -7.30 -11.10
CA HIS B 113 4.19 -7.49 -11.76
C HIS B 113 4.13 -6.85 -13.16
N VAL B 114 3.20 -7.26 -14.01
CA VAL B 114 3.03 -6.71 -15.40
C VAL B 114 2.89 -5.18 -15.28
N ARG B 115 1.96 -4.72 -14.42
CA ARG B 115 1.57 -3.30 -14.29
C ARG B 115 2.73 -2.43 -13.76
N SER B 116 3.62 -3.01 -12.96
CA SER B 116 4.86 -2.39 -12.41
C SER B 116 5.85 -2.04 -13.54
N GLY B 117 5.76 -2.69 -14.72
CA GLY B 117 6.67 -2.46 -15.87
C GLY B 117 7.74 -3.55 -16.00
N PHE B 118 7.61 -4.60 -15.18
CA PHE B 118 8.46 -5.80 -15.25
C PHE B 118 8.28 -6.43 -16.62
N PRO B 119 9.39 -6.81 -17.28
CA PRO B 119 9.32 -7.44 -18.60
C PRO B 119 8.72 -8.85 -18.59
N ARG B 120 7.79 -9.01 -19.53
CA ARG B 120 6.91 -10.20 -19.63
C ARG B 120 7.76 -11.42 -20.00
N ASP B 121 8.85 -11.21 -20.75
CA ASP B 121 9.73 -12.32 -21.20
C ASP B 121 10.64 -12.78 -20.06
N LYS B 122 10.57 -12.17 -18.88
CA LYS B 122 11.30 -12.68 -17.68
C LYS B 122 10.33 -13.07 -16.57
N LEU B 123 9.02 -13.08 -16.84
CA LEU B 123 7.95 -13.35 -15.86
C LEU B 123 7.18 -14.59 -16.29
N ALA B 124 7.06 -15.55 -15.38
CA ALA B 124 6.10 -16.67 -15.43
C ALA B 124 4.92 -16.37 -14.49
N GLU B 125 3.70 -16.22 -15.03
CA GLU B 125 2.46 -16.01 -14.25
C GLU B 125 1.68 -17.33 -14.21
N LEU B 126 2.07 -18.22 -13.29
CA LEU B 126 1.70 -19.65 -13.27
C LEU B 126 0.18 -19.83 -13.14
N HIS B 127 -0.52 -18.95 -12.42
CA HIS B 127 -1.95 -19.11 -12.08
C HIS B 127 -2.79 -18.12 -12.92
N GLY B 128 -2.11 -17.29 -13.70
CA GLY B 128 -2.70 -16.34 -14.65
C GLY B 128 -2.70 -14.92 -14.14
N ASN B 129 -3.37 -14.05 -14.88
CA ASN B 129 -3.40 -12.58 -14.65
C ASN B 129 -4.84 -12.10 -14.87
N MET B 130 -5.39 -11.37 -13.92
CA MET B 130 -6.81 -10.91 -13.95
C MET B 130 -7.01 -9.92 -15.12
N PHE B 131 -5.96 -9.23 -15.56
CA PHE B 131 -6.03 -8.21 -16.64
C PHE B 131 -5.78 -8.80 -18.02
N VAL B 132 -5.41 -10.07 -18.08
CA VAL B 132 -4.92 -10.72 -19.34
C VAL B 132 -5.99 -11.70 -19.82
N GLU B 133 -6.43 -11.50 -21.07
CA GLU B 133 -7.26 -12.47 -21.83
C GLU B 133 -6.45 -12.96 -23.03
N GLU B 134 -6.75 -14.19 -23.43
CA GLU B 134 -5.99 -14.94 -24.46
C GLU B 134 -6.98 -15.38 -25.55
N CYS B 135 -6.57 -15.27 -26.80
CA CYS B 135 -7.33 -15.78 -27.97
C CYS B 135 -7.21 -17.32 -28.00
N ALA B 136 -8.35 -18.02 -27.92
CA ALA B 136 -8.45 -19.51 -28.02
C ALA B 136 -7.81 -20.00 -29.32
N LYS B 137 -7.97 -19.26 -30.42
CA LYS B 137 -7.47 -19.64 -31.78
C LYS B 137 -5.96 -19.43 -31.86
N CYS B 138 -5.51 -18.18 -31.88
CA CYS B 138 -4.10 -17.81 -32.23
C CYS B 138 -3.23 -17.67 -30.99
N LYS B 139 -3.79 -17.82 -29.78
CA LYS B 139 -3.08 -17.74 -28.48
C LYS B 139 -2.52 -16.33 -28.20
N THR B 140 -2.90 -15.33 -29.00
CA THR B 140 -2.49 -13.91 -28.82
C THR B 140 -3.02 -13.43 -27.47
N GLN B 141 -2.17 -12.78 -26.67
CA GLN B 141 -2.57 -12.28 -25.33
C GLN B 141 -2.76 -10.77 -25.37
N TYR B 142 -3.81 -10.31 -24.67
CA TYR B 142 -4.14 -8.89 -24.48
C TYR B 142 -4.00 -8.57 -23.00
N VAL B 143 -3.15 -7.60 -22.65
CA VAL B 143 -3.09 -7.00 -21.28
C VAL B 143 -4.04 -5.81 -21.28
N ARG B 144 -5.12 -5.92 -20.50
CA ARG B 144 -6.22 -4.91 -20.45
C ARG B 144 -5.93 -4.00 -19.26
N ASP B 145 -6.52 -2.80 -19.28
CA ASP B 145 -6.43 -1.74 -18.24
C ASP B 145 -7.41 -2.01 -17.10
N THR B 146 -8.41 -2.89 -17.30
CA THR B 146 -9.35 -3.32 -16.24
C THR B 146 -9.30 -4.84 -16.17
N VAL B 147 -9.71 -5.45 -15.04
CA VAL B 147 -9.78 -6.93 -14.87
C VAL B 147 -10.72 -7.47 -15.94
N VAL B 148 -10.32 -8.57 -16.57
CA VAL B 148 -11.16 -9.31 -17.54
C VAL B 148 -12.23 -10.02 -16.69
N GLY B 149 -13.51 -9.77 -16.99
CA GLY B 149 -14.64 -9.97 -16.06
C GLY B 149 -14.92 -11.42 -15.67
N THR B 150 -14.15 -12.39 -16.15
CA THR B 150 -14.43 -13.83 -15.93
C THR B 150 -13.22 -14.48 -15.27
N MET B 151 -13.41 -15.70 -14.77
CA MET B 151 -12.33 -16.53 -14.18
C MET B 151 -12.61 -18.01 -14.47
N GLY B 152 -11.55 -18.80 -14.68
CA GLY B 152 -11.64 -20.24 -14.96
C GLY B 152 -11.66 -20.53 -16.45
N LEU B 153 -10.94 -19.72 -17.24
CA LEU B 153 -10.71 -19.88 -18.70
C LEU B 153 -12.05 -19.82 -19.45
N LYS B 154 -12.95 -18.92 -19.01
CA LYS B 154 -14.27 -18.68 -19.65
C LYS B 154 -14.14 -17.62 -20.75
N ALA B 155 -15.04 -17.66 -21.73
CA ALA B 155 -15.18 -16.62 -22.78
C ALA B 155 -15.50 -15.28 -22.09
N THR B 156 -14.76 -14.22 -22.46
CA THR B 156 -14.91 -12.85 -21.88
C THR B 156 -16.05 -12.10 -22.56
N GLY B 157 -16.39 -12.48 -23.79
CA GLY B 157 -17.36 -11.77 -24.65
C GLY B 157 -16.69 -11.01 -25.77
N ARG B 158 -15.38 -10.73 -25.65
CA ARG B 158 -14.61 -9.94 -26.66
C ARG B 158 -13.98 -10.94 -27.63
N LEU B 159 -13.65 -10.46 -28.85
CA LEU B 159 -13.03 -11.25 -29.94
C LEU B 159 -11.66 -10.70 -30.32
N CYS B 160 -10.81 -11.58 -30.87
CA CYS B 160 -9.41 -11.33 -31.27
C CYS B 160 -9.38 -10.33 -32.44
N THR B 161 -8.48 -9.36 -32.38
CA THR B 161 -8.38 -8.24 -33.36
C THR B 161 -7.07 -8.36 -34.17
N VAL B 162 -6.45 -9.54 -34.20
CA VAL B 162 -5.16 -9.82 -34.91
C VAL B 162 -5.40 -9.69 -36.42
N ALA B 163 -4.57 -8.89 -37.10
CA ALA B 163 -4.71 -8.45 -38.50
C ALA B 163 -5.24 -9.60 -39.37
N CYS B 171 -8.88 -12.51 -37.05
CA CYS B 171 -8.97 -13.81 -36.34
C CYS B 171 -10.37 -14.00 -35.73
N ARG B 172 -10.93 -12.93 -35.16
CA ARG B 172 -12.24 -12.88 -34.44
C ARG B 172 -12.36 -14.10 -33.51
N GLY B 173 -11.22 -14.66 -33.09
CA GLY B 173 -11.14 -15.75 -32.10
C GLY B 173 -11.75 -15.33 -30.78
N GLU B 174 -12.34 -16.31 -30.07
CA GLU B 174 -12.88 -16.15 -28.68
C GLU B 174 -11.73 -15.77 -27.75
N LEU B 175 -11.82 -14.60 -27.07
CA LEU B 175 -10.91 -14.23 -25.95
C LEU B 175 -11.46 -14.87 -24.66
N ARG B 176 -10.56 -15.46 -23.86
CA ARG B 176 -10.89 -16.10 -22.55
C ARG B 176 -9.92 -15.57 -21.49
N ASP B 177 -10.34 -15.56 -20.21
CA ASP B 177 -9.46 -15.17 -19.07
C ASP B 177 -8.36 -16.22 -18.95
N THR B 178 -7.31 -15.90 -18.19
CA THR B 178 -6.14 -16.79 -17.94
C THR B 178 -6.19 -17.34 -16.51
N ILE B 179 -7.28 -17.14 -15.77
CA ILE B 179 -7.35 -17.48 -14.33
C ILE B 179 -7.72 -18.96 -14.20
N LEU B 180 -6.75 -19.80 -13.83
CA LEU B 180 -6.95 -21.25 -13.57
C LEU B 180 -7.98 -21.42 -12.46
N ASP B 181 -8.96 -22.33 -12.66
CA ASP B 181 -9.75 -22.90 -11.55
C ASP B 181 -8.98 -24.10 -10.99
N TRP B 182 -9.52 -24.80 -9.98
CA TRP B 182 -8.80 -25.85 -9.21
C TRP B 182 -8.32 -26.99 -10.13
N GLU B 183 -9.18 -27.43 -11.06
CA GLU B 183 -8.91 -28.60 -11.94
C GLU B 183 -7.94 -28.26 -13.07
N ASP B 184 -7.74 -26.97 -13.40
CA ASP B 184 -6.97 -26.54 -14.60
C ASP B 184 -5.47 -26.68 -14.32
N SER B 185 -4.71 -27.31 -15.23
CA SER B 185 -3.24 -27.44 -15.15
C SER B 185 -2.60 -26.13 -15.62
N LEU B 186 -1.36 -25.89 -15.21
CA LEU B 186 -0.63 -24.61 -15.40
C LEU B 186 -0.35 -24.40 -16.88
N PRO B 187 -0.26 -23.14 -17.36
CA PRO B 187 0.14 -22.87 -18.74
C PRO B 187 1.51 -23.49 -18.99
N ASP B 188 1.63 -24.28 -20.06
CA ASP B 188 2.84 -25.08 -20.38
C ASP B 188 4.02 -24.15 -20.67
N ARG B 189 3.78 -23.00 -21.30
CA ARG B 189 4.88 -22.06 -21.67
C ARG B 189 5.48 -21.45 -20.39
N ASP B 190 4.63 -20.92 -19.50
CA ASP B 190 5.07 -20.23 -18.26
C ASP B 190 5.74 -21.22 -17.31
N LEU B 191 5.20 -22.43 -17.19
CA LEU B 191 5.74 -23.50 -16.32
C LEU B 191 7.09 -23.99 -16.85
N ALA B 192 7.18 -24.33 -18.15
CA ALA B 192 8.45 -24.76 -18.79
C ALA B 192 9.56 -23.75 -18.49
N LEU B 193 9.27 -22.46 -18.70
CA LEU B 193 10.25 -21.35 -18.52
C LEU B 193 10.52 -21.10 -17.03
N ALA B 194 9.52 -21.23 -16.15
CA ALA B 194 9.75 -21.17 -14.68
C ALA B 194 10.61 -22.37 -14.25
N ASP B 195 10.36 -23.54 -14.84
CA ASP B 195 11.07 -24.81 -14.47
C ASP B 195 12.54 -24.72 -14.89
N GLU B 196 12.79 -24.28 -16.12
CA GLU B 196 14.15 -24.09 -16.68
C GLU B 196 14.93 -23.10 -15.80
N ALA B 197 14.36 -21.91 -15.56
CA ALA B 197 14.99 -20.83 -14.78
C ALA B 197 15.32 -21.34 -13.37
N SER B 198 14.39 -22.04 -12.74
CA SER B 198 14.55 -22.58 -11.37
C SER B 198 15.69 -23.62 -11.34
N ARG B 199 15.76 -24.49 -12.35
CA ARG B 199 16.80 -25.56 -12.44
C ARG B 199 18.18 -24.92 -12.60
N ASN B 200 18.27 -23.84 -13.38
CA ASN B 200 19.56 -23.20 -13.81
C ASN B 200 20.02 -22.16 -12.78
N ALA B 201 19.14 -21.75 -11.87
CA ALA B 201 19.43 -20.83 -10.75
C ALA B 201 20.49 -21.43 -9.83
N ASP B 202 21.35 -20.59 -9.23
CA ASP B 202 22.21 -20.99 -8.10
C ASP B 202 21.71 -20.29 -6.82
N LEU B 203 20.76 -19.36 -6.96
CA LEU B 203 19.95 -18.81 -5.83
C LEU B 203 18.49 -18.67 -6.28
N SER B 204 17.57 -19.30 -5.54
CA SER B 204 16.11 -19.00 -5.61
C SER B 204 15.72 -18.29 -4.32
N ILE B 205 15.10 -17.11 -4.44
CA ILE B 205 14.53 -16.35 -3.29
C ILE B 205 13.00 -16.42 -3.42
N THR B 206 12.33 -16.90 -2.39
CA THR B 206 10.84 -16.90 -2.30
C THR B 206 10.42 -15.70 -1.43
N LEU B 207 9.41 -14.97 -1.88
CA LEU B 207 8.83 -13.78 -1.17
C LEU B 207 7.32 -13.97 -1.02
N GLY B 208 6.83 -14.08 0.23
CA GLY B 208 5.39 -14.07 0.56
C GLY B 208 4.64 -15.18 -0.15
N THR B 209 5.20 -16.40 -0.16
CA THR B 209 4.48 -17.64 -0.53
C THR B 209 4.69 -18.70 0.57
N SER B 210 3.63 -19.45 0.90
CA SER B 210 3.72 -20.56 1.87
C SER B 210 4.20 -21.81 1.13
N LEU B 211 4.24 -21.75 -0.21
CA LEU B 211 4.87 -22.77 -1.09
C LEU B 211 4.06 -24.08 -1.03
N GLN B 212 2.75 -23.95 -0.87
CA GLN B 212 1.86 -25.10 -0.55
C GLN B 212 1.26 -25.69 -1.84
N ILE B 213 1.26 -24.93 -2.94
CA ILE B 213 0.61 -25.34 -4.22
C ILE B 213 1.66 -26.10 -5.05
N ARG B 214 1.30 -27.28 -5.56
CA ARG B 214 2.12 -28.05 -6.55
C ARG B 214 1.65 -27.65 -7.94
N PRO B 215 2.54 -27.46 -8.94
CA PRO B 215 3.99 -27.56 -8.80
C PRO B 215 4.75 -26.26 -8.52
N SER B 216 4.04 -25.12 -8.49
CA SER B 216 4.60 -23.76 -8.23
C SER B 216 5.50 -23.75 -6.99
N GLY B 217 4.96 -24.24 -5.87
CA GLY B 217 5.61 -24.25 -4.54
C GLY B 217 6.88 -25.09 -4.53
N ASN B 218 7.00 -26.03 -5.46
CA ASN B 218 8.12 -26.99 -5.55
C ASN B 218 9.26 -26.41 -6.42
N LEU B 219 8.96 -25.53 -7.39
CA LEU B 219 9.98 -24.95 -8.30
C LEU B 219 11.21 -24.48 -7.53
N PRO B 220 11.08 -23.71 -6.41
CA PRO B 220 12.26 -23.25 -5.69
C PRO B 220 13.19 -24.39 -5.25
N LEU B 221 12.64 -25.58 -4.95
CA LEU B 221 13.43 -26.77 -4.50
C LEU B 221 14.34 -27.24 -5.64
N ALA B 222 13.90 -27.10 -6.90
CA ALA B 222 14.65 -27.48 -8.11
C ALA B 222 16.00 -26.75 -8.17
N THR B 223 16.07 -25.56 -7.59
CA THR B 223 17.33 -24.78 -7.45
C THR B 223 18.30 -25.56 -6.53
N LYS B 224 17.79 -26.25 -5.50
CA LYS B 224 18.66 -27.02 -4.58
C LYS B 224 19.47 -28.06 -5.37
N ARG B 225 18.92 -28.60 -6.47
CA ARG B 225 19.60 -29.57 -7.37
C ARG B 225 20.88 -28.95 -7.97
N ARG B 226 22.01 -29.64 -7.81
CA ARG B 226 23.38 -29.26 -8.27
C ARG B 226 23.94 -28.11 -7.41
N GLY B 227 23.39 -27.92 -6.21
CA GLY B 227 24.04 -27.15 -5.12
C GLY B 227 23.64 -25.69 -5.09
N GLY B 228 22.49 -25.34 -5.67
CA GLY B 228 21.92 -23.99 -5.56
C GLY B 228 21.46 -23.68 -4.15
N ARG B 229 21.42 -22.39 -3.80
CA ARG B 229 20.95 -21.91 -2.47
C ARG B 229 19.48 -21.51 -2.59
N LEU B 230 18.74 -21.62 -1.48
CA LEU B 230 17.30 -21.32 -1.38
C LEU B 230 17.10 -20.38 -0.20
N VAL B 231 16.52 -19.22 -0.46
CA VAL B 231 16.13 -18.25 0.60
C VAL B 231 14.62 -18.20 0.57
N ILE B 232 14.00 -18.31 1.73
CA ILE B 232 12.55 -18.12 1.91
C ILE B 232 12.38 -16.89 2.80
N VAL B 233 11.70 -15.87 2.28
CA VAL B 233 11.18 -14.70 3.06
C VAL B 233 9.66 -14.87 3.23
N ASN B 234 9.19 -14.98 4.46
CA ASN B 234 7.74 -15.20 4.73
C ASN B 234 7.46 -14.95 6.21
N LEU B 235 6.25 -14.47 6.56
CA LEU B 235 5.90 -14.17 7.96
C LEU B 235 5.48 -15.46 8.68
N GLN B 236 5.05 -16.46 7.93
CA GLN B 236 4.53 -17.75 8.44
C GLN B 236 5.49 -18.85 7.99
N PRO B 237 5.39 -20.04 8.63
CA PRO B 237 6.03 -21.24 8.11
C PRO B 237 5.56 -21.57 6.68
N THR B 238 6.50 -22.06 5.87
CA THR B 238 6.23 -22.55 4.50
C THR B 238 6.45 -24.05 4.47
N LYS B 239 5.86 -24.70 3.46
CA LYS B 239 6.01 -26.17 3.23
C LYS B 239 7.51 -26.54 3.25
N HIS B 240 8.39 -25.72 2.67
CA HIS B 240 9.80 -26.12 2.39
C HIS B 240 10.79 -25.43 3.34
N ASP B 241 10.37 -25.03 4.54
CA ASP B 241 11.26 -24.31 5.49
C ASP B 241 12.53 -25.12 5.74
N ARG B 242 12.37 -26.44 5.90
CA ARG B 242 13.46 -27.41 6.18
C ARG B 242 14.56 -27.29 5.13
N HIS B 243 14.22 -26.99 3.87
CA HIS B 243 15.16 -27.07 2.72
C HIS B 243 15.89 -25.75 2.47
N ALA B 244 15.61 -24.68 3.22
CA ALA B 244 16.17 -23.32 2.98
C ALA B 244 17.54 -23.20 3.63
N ASP B 245 18.46 -22.48 2.96
CA ASP B 245 19.78 -22.10 3.52
C ASP B 245 19.59 -20.89 4.42
N LEU B 246 18.50 -20.15 4.17
CA LEU B 246 18.18 -18.90 4.90
C LEU B 246 16.67 -18.70 4.90
N ARG B 247 16.08 -18.50 6.08
CA ARG B 247 14.63 -18.18 6.26
C ARG B 247 14.60 -16.81 6.91
N ILE B 248 13.93 -15.85 6.29
CA ILE B 248 13.78 -14.48 6.88
C ILE B 248 12.31 -14.27 7.22
N HIS B 249 12.00 -14.05 8.50
CA HIS B 249 10.63 -13.85 9.02
C HIS B 249 10.46 -12.35 9.27
N GLY B 250 9.82 -11.65 8.33
CA GLY B 250 9.50 -10.23 8.44
C GLY B 250 8.78 -9.74 7.19
N TYR B 251 8.29 -8.50 7.21
CA TYR B 251 7.58 -7.89 6.05
C TYR B 251 8.53 -7.89 4.85
N VAL B 252 8.03 -8.36 3.70
CA VAL B 252 8.86 -8.45 2.46
C VAL B 252 9.38 -7.05 2.11
N ASP B 253 8.60 -5.99 2.32
CA ASP B 253 9.00 -4.61 1.93
C ASP B 253 10.18 -4.15 2.79
N GLU B 254 10.17 -4.43 4.11
CA GLU B 254 11.32 -4.13 5.01
C GLU B 254 12.54 -4.91 4.53
N VAL B 255 12.37 -6.17 4.18
CA VAL B 255 13.52 -7.03 3.76
C VAL B 255 14.09 -6.43 2.45
N MET B 256 13.24 -6.22 1.45
CA MET B 256 13.66 -5.77 0.10
C MET B 256 14.27 -4.38 0.19
N THR B 257 13.71 -3.48 1.01
CA THR B 257 14.24 -2.09 1.15
C THR B 257 15.63 -2.11 1.81
N ARG B 258 15.83 -2.93 2.84
CA ARG B 258 17.16 -3.10 3.49
C ARG B 258 18.09 -3.78 2.49
N LEU B 259 17.60 -4.75 1.72
CA LEU B 259 18.49 -5.43 0.75
C LEU B 259 18.97 -4.49 -0.36
N MET B 260 18.05 -3.72 -0.94
CA MET B 260 18.31 -2.73 -2.04
C MET B 260 19.37 -1.73 -1.56
N LYS B 261 19.21 -1.26 -0.32
CA LYS B 261 20.13 -0.36 0.39
C LYS B 261 21.52 -0.98 0.42
N HIS B 262 21.65 -2.23 0.88
CA HIS B 262 22.94 -3.00 0.92
C HIS B 262 23.53 -3.09 -0.49
N LEU B 263 22.68 -3.32 -1.49
CA LEU B 263 23.11 -3.50 -2.90
C LEU B 263 23.44 -2.15 -3.55
N GLY B 264 23.11 -1.01 -2.92
CA GLY B 264 23.35 0.34 -3.45
C GLY B 264 22.41 0.71 -4.58
N LEU B 265 21.22 0.11 -4.60
CA LEU B 265 20.20 0.35 -5.64
C LEU B 265 19.05 1.16 -5.05
N GLU B 266 18.54 2.12 -5.82
CA GLU B 266 17.31 2.88 -5.50
C GLU B 266 16.11 2.02 -5.92
N ILE B 267 14.98 2.16 -5.23
CA ILE B 267 13.71 1.54 -5.67
C ILE B 267 13.04 2.54 -6.61
N PRO B 268 12.85 2.21 -7.89
CA PRO B 268 12.38 3.19 -8.88
C PRO B 268 10.91 3.58 -8.65
N ALA B 269 10.57 4.77 -9.15
CA ALA B 269 9.23 5.37 -9.06
C ALA B 269 8.31 4.57 -9.97
N TRP B 270 7.04 4.46 -9.60
CA TRP B 270 6.03 3.77 -10.42
C TRP B 270 5.30 4.84 -11.25
N ASP B 271 5.47 4.77 -12.57
CA ASP B 271 4.91 5.76 -13.54
C ASP B 271 3.43 5.46 -13.80
N GLY B 272 2.79 4.61 -12.97
CA GLY B 272 1.43 4.11 -13.25
C GLY B 272 1.46 2.89 -14.17
N PRO B 273 0.29 2.30 -14.49
CA PRO B 273 0.22 1.02 -15.20
C PRO B 273 0.88 1.12 -16.58
N ARG B 274 1.88 0.27 -16.81
CA ARG B 274 2.71 0.24 -18.04
C ARG B 274 3.14 -1.20 -18.31
N VAL B 275 2.98 -1.63 -19.55
CA VAL B 275 3.26 -3.02 -20.00
C VAL B 275 4.56 -2.99 -20.78
N LEU B 276 5.55 -3.75 -20.37
CA LEU B 276 6.82 -3.98 -21.09
C LEU B 276 6.87 -5.44 -21.55
N GLU B 277 6.88 -5.69 -22.87
CA GLU B 277 6.90 -7.08 -23.39
C GLU B 277 8.29 -7.69 -23.21
N ARG B 278 9.35 -6.89 -23.43
CA ARG B 278 10.70 -7.45 -23.59
C ARG B 278 11.71 -6.70 -22.71
N ALA B 279 12.46 -7.46 -21.94
CA ALA B 279 13.60 -7.00 -21.11
C ALA B 279 14.57 -6.19 -21.99
N LEU B 280 15.06 -5.08 -21.47
CA LEU B 280 16.14 -4.24 -22.08
C LEU B 280 17.49 -4.82 -21.67
N PRO B 281 18.59 -4.44 -22.36
CA PRO B 281 19.94 -4.79 -21.90
C PRO B 281 20.12 -4.27 -20.48
N PRO B 282 20.89 -4.95 -19.61
CA PRO B 282 21.10 -4.48 -18.25
C PRO B 282 21.63 -3.03 -18.12
N LEU B 283 21.08 -2.27 -17.16
CA LEU B 283 21.61 -0.94 -16.79
C LEU B 283 22.88 -1.14 -15.95
N PRO B 284 23.68 -0.08 -15.78
CA PRO B 284 24.88 -0.15 -14.94
C PRO B 284 24.50 -0.42 -13.47
N ARG B 285 25.31 -1.20 -12.76
CA ARG B 285 25.06 -1.45 -11.32
C ARG B 285 26.34 -1.22 -10.53
N PRO B 286 26.26 -1.06 -9.20
CA PRO B 286 27.45 -0.84 -8.39
C PRO B 286 28.46 -1.98 -8.51
N PRO B 287 29.76 -1.70 -8.30
CA PRO B 287 30.77 -2.75 -8.25
C PRO B 287 30.48 -3.60 -6.99
N THR B 288 30.85 -4.87 -7.02
CA THR B 288 30.53 -5.86 -5.95
C THR B 288 31.49 -5.70 -4.77
N PRO B 289 31.05 -5.86 -3.50
CA PRO B 289 31.97 -5.92 -2.36
C PRO B 289 32.99 -7.08 -2.45
N LYS B 290 34.09 -6.94 -1.71
CA LYS B 290 34.97 -8.08 -1.32
C LYS B 290 34.25 -8.86 -0.21
N LEU B 291 34.01 -10.15 -0.43
CA LEU B 291 33.09 -10.95 0.42
C LEU B 291 33.86 -11.71 1.52
N GLU B 292 34.66 -12.71 1.15
CA GLU B 292 35.45 -13.54 2.12
C GLU B 292 36.60 -12.67 2.67
N1 AR6 C . -11.38 4.07 0.97
C2 AR6 C . -12.41 4.68 1.59
N3 AR6 C . -12.82 4.56 2.86
C4 AR6 C . -12.06 3.69 3.53
C5 AR6 C . -11.01 2.96 3.03
C6 AR6 C . -10.64 3.18 1.68
N6 AR6 C . -9.64 2.55 1.09
N7 AR6 C . -10.49 2.17 4.03
C8 AR6 C . -11.21 2.44 5.09
N9 AR6 C . -12.20 3.31 4.84
PA AR6 C . -12.30 4.89 11.56
PB AR6 C . -10.97 7.50 12.14
C1' AR6 C . -13.17 3.88 5.75
O1A AR6 C . -13.28 5.30 12.59
O1B AR6 C . -9.64 8.10 11.69
C1D AR6 C . -9.70 6.16 17.12
O1D AR6 C . -10.07 5.90 18.46
C2' AR6 C . -13.90 2.92 6.70
O2' AR6 C . -15.06 2.51 6.04
O2A AR6 C . -11.74 3.51 11.44
O2B AR6 C . -12.19 8.22 11.74
C2D AR6 C . -8.37 6.92 16.95
O2D AR6 C . -8.08 7.81 18.02
C3' AR6 C . -14.10 3.76 7.97
O3' AR6 C . -15.39 4.25 8.21
O3A AR6 C . -11.06 5.93 11.74
C3D AR6 C . -8.58 7.63 15.61
O3D AR6 C . -7.65 8.70 15.29
C4' AR6 C . -13.16 4.98 7.79
O4' AR6 C . -12.45 4.75 6.57
C4D AR6 C . -10.03 8.07 15.82
O4D AR6 C . -10.68 6.97 16.50
C5' AR6 C . -12.15 5.17 8.88
O5' AR6 C . -12.86 5.30 10.14
C5D AR6 C . -10.80 8.45 14.58
O5D AR6 C . -10.90 7.29 13.70
ZN ZN D . 13.78 21.29 25.13
C1 PEG E . -7.41 9.62 21.33
O1 PEG E . -8.56 10.43 21.17
C2 PEG E . -7.78 8.18 21.35
O2 PEG E . -6.76 7.39 21.96
C3 PEG E . -7.23 6.06 22.21
C4 PEG E . -6.51 5.07 21.34
O4 PEG E . -6.21 5.57 20.04
C1 PEG F . -13.24 -5.30 -3.87
O1 PEG F . -14.15 -4.20 -3.86
C2 PEG F . -12.25 -5.27 -4.99
O2 PEG F . -11.68 -6.55 -5.18
C3 PEG F . -12.63 -7.51 -5.65
C4 PEG F . -12.12 -8.89 -5.45
O4 PEG F . -13.07 -9.87 -5.81
S SO4 G . -25.65 8.99 -1.55
O1 SO4 G . -25.42 10.11 -2.43
O2 SO4 G . -25.03 9.23 -0.28
O3 SO4 G . -25.10 7.80 -2.16
O4 SO4 G . -27.06 8.81 -1.36
S SO4 H . 6.51 6.06 -6.21
O1 SO4 H . 6.99 6.96 -7.22
O2 SO4 H . 5.82 6.80 -5.18
O3 SO4 H . 7.64 5.37 -5.61
O4 SO4 H . 5.61 5.10 -6.80
S SO4 I . -17.17 19.97 19.73
O1 SO4 I . -17.32 21.41 19.71
O2 SO4 I . -18.43 19.40 20.15
O3 SO4 I . -16.83 19.52 18.40
O4 SO4 I . -16.14 19.59 20.66
O11 GV9 J . -2.85 3.63 14.06
C10 GV9 J . -3.38 2.54 14.19
C12 GV9 J . -4.42 2.03 13.25
N9 GV9 J . -3.09 1.72 15.24
C3 GV9 J . -2.10 1.95 16.18
C4 GV9 J . -1.52 3.20 16.45
C5 GV9 J . -0.54 3.12 17.39
S1 GV9 J . -0.39 1.56 18.07
C2 GV9 J . -1.60 0.97 17.00
C6 GV9 J . -2.00 -0.45 17.05
O7 GV9 J . -1.39 -1.20 17.78
O8 GV9 J . -2.93 -0.78 16.32
CL CL K . -2.62 5.24 23.69
CL CL L . -4.33 0.68 19.56
C1 PEG M . 3.49 -4.65 12.74
O1 PEG M . 4.10 -5.48 13.72
C2 PEG M . 3.33 -3.24 13.20
O2 PEG M . 2.71 -3.21 14.47
C3 PEG M . 2.64 -1.90 15.02
C4 PEG M . 1.90 -1.94 16.32
O4 PEG M . 2.19 -0.82 17.14
N1 AR6 N . 5.72 -10.11 4.05
C2 AR6 N . 6.01 -11.41 4.04
N3 AR6 N . 5.19 -12.45 4.02
C4 AR6 N . 3.92 -12.06 3.98
C5 AR6 N . 3.45 -10.77 3.99
C6 AR6 N . 4.41 -9.73 4.01
N6 AR6 N . 4.11 -8.45 3.98
N7 AR6 N . 2.07 -10.76 3.95
C8 AR6 N . 1.72 -12.03 3.91
N9 AR6 N . 2.80 -12.86 3.97
PA AR6 N . -0.50 -17.84 0.63
PB AR6 N . 0.43 -18.14 -2.11
C1' AR6 N . 2.86 -14.28 3.89
O1A AR6 N . -0.71 -19.33 0.76
O1B AR6 N . 0.69 -17.13 -3.17
C1D AR6 N . -4.09 -20.18 -3.78
O1D AR6 N . -4.91 -21.26 -4.03
C2' AR6 N . 1.94 -15.11 4.76
O2' AR6 N . 2.58 -15.46 5.97
O2A AR6 N . -1.44 -16.94 1.34
O2B AR6 N . 1.60 -18.87 -1.55
C2D AR6 N . -3.98 -19.34 -5.06
O2D AR6 N . -4.17 -20.07 -6.25
C3' AR6 N . 1.71 -16.36 3.89
O3' AR6 N . 2.54 -17.40 4.37
O3A AR6 N . -0.42 -17.44 -0.92
C3D AR6 N . -2.56 -18.81 -5.00
O3D AR6 N . -2.10 -18.38 -6.28
C4' AR6 N . 2.17 -15.96 2.47
O4' AR6 N . 2.55 -14.57 2.56
C4D AR6 N . -1.86 -20.08 -4.47
O4D AR6 N . -2.77 -20.62 -3.49
C5' AR6 N . 1.17 -16.08 1.39
O5' AR6 N . 0.95 -17.50 1.14
C5D AR6 N . -0.52 -19.90 -3.83
O5D AR6 N . -0.68 -19.17 -2.59
ZN ZN O . -6.97 -14.70 -32.24
C1 PEG P . -4.37 -22.59 -9.13
O1 PEG P . -3.04 -23.06 -9.01
C2 PEG P . -5.26 -23.15 -8.08
O2 PEG P . -6.59 -22.65 -8.27
C3 PEG P . -7.00 -21.78 -7.22
C4 PEG P . -8.28 -21.10 -7.61
O4 PEG P . -8.85 -20.40 -6.52
S SO4 Q . -7.29 -7.16 6.84
O1 SO4 Q . -7.09 -5.82 7.34
O2 SO4 Q . -7.67 -7.99 7.95
O3 SO4 Q . -8.31 -7.19 5.85
O4 SO4 Q . -6.07 -7.63 6.28
S SO4 R . 14.98 -19.64 11.42
O1 SO4 R . 14.35 -18.36 11.20
O2 SO4 R . 15.36 -19.75 12.79
O3 SO4 R . 16.16 -19.74 10.59
O4 SO4 R . 14.05 -20.68 11.07
S SO4 S . 5.31 -31.22 -8.85
O1 SO4 S . 6.21 -30.31 -8.18
O2 SO4 S . 3.95 -30.80 -8.63
O3 SO4 S . 5.59 -31.24 -10.27
O4 SO4 S . 5.49 -32.56 -8.31
O11 GV9 T . -5.97 -12.33 -5.42
C10 GV9 T . -6.60 -12.60 -4.41
C12 GV9 T . -5.99 -12.61 -3.05
N9 GV9 T . -7.93 -12.91 -4.45
C3 GV9 T . -8.67 -13.11 -5.60
C4 GV9 T . -8.12 -13.51 -6.84
C5 GV9 T . -9.08 -13.57 -7.82
S1 GV9 T . -10.61 -13.07 -7.30
C2 GV9 T . -10.05 -12.93 -5.69
C6 GV9 T . -10.96 -12.63 -4.57
O7 GV9 T . -10.51 -12.79 -3.46
O8 GV9 T . -12.10 -12.24 -4.82
CL CL U . -10.78 -16.19 -4.89
#